data_4AUW
#
_entry.id   4AUW
#
_cell.length_a   94.964
_cell.length_b   94.964
_cell.length_c   200.111
_cell.angle_alpha   90.00
_cell.angle_beta   90.00
_cell.angle_gamma   90.00
#
_symmetry.space_group_name_H-M   'P 43 21 2'
#
loop_
_entity.id
_entity.type
_entity.pdbx_description
1 polymer 'TRANSCRIPTION FACTOR MAFB'
2 polymer "C-MARE BINDING SITE (5'-D(*AP*TP*AP*AP*TP*GP*CP*TP* GP*AP*CP*GP*TP*CP*AP*GP*CP*AP*AP*TP*T)-3')"
3 polymer "C-MARE BINDING SITE (5'-D(*AP*TP*AP*AP*TP*GP*CP*TP* GP*AP*CP*GP*TP*CP*AP*GP*CP*AP*AP*TP*T)-3')"
4 non-polymer 'MERCURY (II) ION'
5 non-polymer (2R,3S)-1,4-DIMERCAPTOBUTANE-2,3-DIOL
#
loop_
_entity_poly.entity_id
_entity_poly.type
_entity_poly.pdbx_seq_one_letter_code
_entity_poly.pdbx_strand_id
1 'polypeptide(L)'
;MFSDDQLVSMSVRELNRHLRGFTKDEVIRLKQKRRTLKNRGYAQSCRYKRVQQKHHLENEKTQLIQQVEQLKQEVSRLAR
ERDAYKVKSEKLANSG
;
A,B,E,F
2 'polydeoxyribonucleotide'
;(DT)(DA)(DA)(DT)(DT)(DG)(DC)(DT)(DG)(DA)(DC)(DG)(DT)(DC)(DA)(DG)(DC)(DA)(DT)(DT)
(DA)
;
C,H
3 'polydeoxyribonucleotide'
;(DA)(DT)(DA)(DA)(DT)(DG)(DC)(DT)(DG)(DA)(DC)(DG)(DT)(DC)(DA)(DG)(DC)(DA)(DA)(DT)
(DT)
;
D,G
#
# COMPACT_ATOMS: atom_id res chain seq x y z
N SER A 3 -29.38 18.31 18.06
CA SER A 3 -29.57 16.87 17.73
C SER A 3 -28.64 16.42 16.60
N ASP A 4 -28.29 15.14 16.60
CA ASP A 4 -27.39 14.54 15.61
C ASP A 4 -27.95 14.75 14.20
N ASP A 5 -29.23 14.41 14.05
CA ASP A 5 -29.99 14.59 12.83
C ASP A 5 -30.08 16.05 12.40
N GLN A 6 -30.40 16.93 13.35
CA GLN A 6 -30.47 18.37 13.11
C GLN A 6 -29.09 18.94 12.77
N LEU A 7 -28.06 18.36 13.36
CA LEU A 7 -26.67 18.76 13.11
C LEU A 7 -26.31 18.54 11.64
N VAL A 8 -26.66 17.37 11.13
CA VAL A 8 -26.41 17.04 9.72
C VAL A 8 -27.27 17.90 8.79
N SER A 9 -28.47 18.23 9.25
CA SER A 9 -29.43 18.96 8.43
C SER A 9 -29.78 20.33 8.99
N MET A 10 -29.19 21.35 8.38
CA MET A 10 -29.50 22.76 8.61
C MET A 10 -28.74 23.56 7.56
N SER A 11 -29.08 24.83 7.42
CA SER A 11 -28.38 25.70 6.48
C SER A 11 -26.98 26.01 6.99
N VAL A 12 -26.10 26.36 6.06
CA VAL A 12 -24.76 26.85 6.38
C VAL A 12 -24.88 28.00 7.38
N ARG A 13 -25.88 28.85 7.17
CA ARG A 13 -26.17 30.00 8.03
C ARG A 13 -26.95 29.59 9.29
N GLU A 14 -28.03 28.82 9.10
CA GLU A 14 -28.86 28.34 10.21
C GLU A 14 -28.04 27.71 11.32
N LEU A 15 -26.98 27.00 10.94
CA LEU A 15 -26.09 26.31 11.85
C LEU A 15 -25.22 27.30 12.63
N ASN A 16 -24.70 28.32 11.94
CA ASN A 16 -23.91 29.37 12.57
C ASN A 16 -24.71 30.16 13.61
N ARG A 17 -25.97 30.45 13.28
CA ARG A 17 -26.88 31.16 14.18
C ARG A 17 -27.38 30.28 15.34
N HIS A 18 -26.92 29.03 15.36
CA HIS A 18 -27.29 28.08 16.43
C HIS A 18 -26.08 27.65 17.27
N LEU A 19 -24.88 28.09 16.86
CA LEU A 19 -23.64 27.74 17.55
C LEU A 19 -23.10 28.88 18.42
N ARG A 20 -24.00 29.80 18.78
CA ARG A 20 -23.64 31.01 19.50
C ARG A 20 -23.04 30.74 20.89
N GLY A 21 -23.86 30.20 21.79
CA GLY A 21 -23.46 29.98 23.18
C GLY A 21 -22.26 29.07 23.38
N PHE A 22 -22.12 28.10 22.48
CA PHE A 22 -21.06 27.09 22.55
C PHE A 22 -19.66 27.69 22.43
N THR A 23 -18.73 27.14 23.20
CA THR A 23 -17.33 27.58 23.18
C THR A 23 -16.73 27.35 21.79
N LYS A 24 -15.66 28.09 21.47
CA LYS A 24 -15.05 28.03 20.15
C LYS A 24 -14.46 26.67 19.79
N ASP A 25 -13.77 26.04 20.74
CA ASP A 25 -13.22 24.70 20.52
C ASP A 25 -14.35 23.71 20.31
N GLU A 26 -15.47 23.96 20.97
CA GLU A 26 -16.65 23.10 20.92
C GLU A 26 -17.34 23.26 19.58
N VAL A 27 -17.35 24.49 19.07
CA VAL A 27 -17.87 24.79 17.73
C VAL A 27 -17.23 23.88 16.68
N ILE A 28 -15.89 23.81 16.70
CA ILE A 28 -15.13 22.98 15.75
C ILE A 28 -15.50 21.50 15.85
N ARG A 29 -15.62 21.00 17.08
CA ARG A 29 -15.99 19.61 17.34
C ARG A 29 -17.26 19.22 16.58
N LEU A 30 -18.26 20.11 16.63
CA LEU A 30 -19.56 19.89 15.96
C LEU A 30 -19.51 20.20 14.47
N LYS A 31 -18.59 21.07 14.06
CA LYS A 31 -18.35 21.34 12.64
C LYS A 31 -17.70 20.11 12.01
N GLN A 32 -16.83 19.45 12.77
CA GLN A 32 -16.21 18.21 12.35
C GLN A 32 -17.24 17.09 12.33
N LYS A 33 -18.13 17.11 13.33
CA LYS A 33 -19.20 16.13 13.43
C LYS A 33 -20.13 16.20 12.22
N ARG A 34 -20.36 17.42 11.73
CA ARG A 34 -21.18 17.61 10.53
C ARG A 34 -20.51 17.00 9.30
N ARG A 35 -19.21 17.22 9.14
CA ARG A 35 -18.48 16.65 8.01
C ARG A 35 -18.41 15.13 8.14
N THR A 36 -17.99 14.67 9.31
CA THR A 36 -17.90 13.24 9.57
C THR A 36 -19.22 12.57 9.23
N LEU A 37 -20.32 13.07 9.80
CA LEU A 37 -21.63 12.52 9.52
C LEU A 37 -21.97 12.52 8.03
N LYS A 38 -21.74 13.65 7.38
CA LYS A 38 -22.04 13.77 5.95
C LYS A 38 -21.18 12.81 5.13
N ASN A 39 -19.93 12.61 5.55
CA ASN A 39 -19.05 11.62 4.96
C ASN A 39 -19.60 10.20 5.05
N ARG A 40 -20.24 9.88 6.16
CA ARG A 40 -20.84 8.56 6.34
C ARG A 40 -21.85 8.30 5.24
N GLY A 41 -22.67 9.32 4.95
CA GLY A 41 -23.60 9.27 3.83
C GLY A 41 -22.94 9.09 2.48
N TYR A 42 -21.94 9.93 2.18
CA TYR A 42 -21.24 9.88 0.88
C TYR A 42 -20.61 8.52 0.60
N ALA A 43 -19.93 7.97 1.60
CA ALA A 43 -19.29 6.66 1.51
C ALA A 43 -20.29 5.57 1.14
N GLN A 44 -21.48 5.62 1.74
CA GLN A 44 -22.56 4.70 1.42
C GLN A 44 -22.92 4.80 -0.06
N SER A 45 -23.30 6.00 -0.49
CA SER A 45 -23.61 6.27 -1.89
C SER A 45 -22.45 5.90 -2.83
N CYS A 46 -21.22 6.02 -2.35
CA CYS A 46 -20.06 5.62 -3.14
C CYS A 46 -20.03 4.11 -3.35
N ARG A 47 -20.43 3.35 -2.32
CA ARG A 47 -20.44 1.89 -2.39
C ARG A 47 -21.40 1.40 -3.46
N TYR A 48 -22.60 1.97 -3.48
CA TYR A 48 -23.61 1.69 -4.50
C TYR A 48 -23.01 1.97 -5.87
N LYS A 49 -22.53 3.19 -6.06
CA LYS A 49 -21.96 3.58 -7.35
C LYS A 49 -20.89 2.60 -7.80
N ARG A 50 -20.07 2.14 -6.86
CA ARG A 50 -18.98 1.22 -7.19
C ARG A 50 -19.53 -0.11 -7.69
N VAL A 51 -20.65 -0.54 -7.11
CA VAL A 51 -21.31 -1.78 -7.52
C VAL A 51 -21.85 -1.62 -8.94
N GLN A 52 -22.47 -0.47 -9.22
CA GLN A 52 -22.94 -0.14 -10.55
C GLN A 52 -21.80 -0.17 -11.55
N GLN A 53 -20.66 0.39 -11.14
CA GLN A 53 -19.49 0.48 -12.01
C GLN A 53 -18.86 -0.88 -12.24
N LYS A 54 -18.89 -1.71 -11.20
CA LYS A 54 -18.40 -3.07 -11.28
C LYS A 54 -19.21 -3.87 -12.28
N HIS A 55 -20.54 -3.76 -12.18
CA HIS A 55 -21.45 -4.47 -13.09
C HIS A 55 -21.30 -3.96 -14.52
N HIS A 56 -21.28 -2.64 -14.68
CA HIS A 56 -21.14 -2.03 -16.01
C HIS A 56 -19.95 -2.65 -16.75
N LEU A 57 -18.78 -2.62 -16.13
CA LEU A 57 -17.59 -3.22 -16.72
C LEU A 57 -17.81 -4.69 -17.03
N GLU A 58 -18.40 -5.43 -16.09
CA GLU A 58 -18.78 -6.83 -16.32
C GLU A 58 -19.65 -6.95 -17.59
N ASN A 59 -20.67 -6.10 -17.68
CA ASN A 59 -21.62 -6.11 -18.80
C ASN A 59 -20.99 -5.75 -20.13
N GLU A 60 -20.04 -4.80 -20.13
CA GLU A 60 -19.25 -4.49 -21.31
C GLU A 60 -18.55 -5.74 -21.79
N LYS A 61 -17.82 -6.39 -20.88
CA LYS A 61 -17.07 -7.61 -21.19
C LYS A 61 -17.95 -8.65 -21.86
N THR A 62 -19.15 -8.85 -21.33
CA THR A 62 -20.14 -9.75 -21.92
C THR A 62 -20.42 -9.37 -23.37
N GLN A 63 -20.70 -8.09 -23.60
CA GLN A 63 -21.03 -7.57 -24.92
C GLN A 63 -19.87 -7.73 -25.90
N LEU A 64 -18.65 -7.42 -25.45
CA LEU A 64 -17.48 -7.55 -26.30
C LEU A 64 -17.26 -8.99 -26.75
N ILE A 65 -17.51 -9.94 -25.85
CA ILE A 65 -17.36 -11.37 -26.15
C ILE A 65 -18.32 -11.86 -27.24
N GLN A 66 -19.60 -11.50 -27.11
CA GLN A 66 -20.58 -11.89 -28.12
C GLN A 66 -20.32 -11.20 -29.45
N GLN A 67 -19.72 -10.01 -29.38
CA GLN A 67 -19.24 -9.28 -30.54
C GLN A 67 -18.06 -10.00 -31.19
N VAL A 68 -17.24 -10.64 -30.36
CA VAL A 68 -16.10 -11.42 -30.85
C VAL A 68 -16.57 -12.70 -31.55
N GLU A 69 -17.50 -13.43 -30.90
CA GLU A 69 -18.12 -14.61 -31.51
C GLU A 69 -18.68 -14.30 -32.88
N GLN A 70 -19.53 -13.29 -32.92
CA GLN A 70 -20.26 -12.89 -34.12
C GLN A 70 -19.32 -12.52 -35.26
N LEU A 71 -18.27 -11.77 -34.94
CA LEU A 71 -17.26 -11.39 -35.92
C LEU A 71 -16.42 -12.57 -36.38
N LYS A 72 -16.19 -13.53 -35.49
CA LYS A 72 -15.52 -14.79 -35.86
C LYS A 72 -16.40 -15.58 -36.81
N GLN A 73 -17.69 -15.67 -36.49
CA GLN A 73 -18.68 -16.36 -37.29
C GLN A 73 -18.77 -15.73 -38.69
N GLU A 74 -18.58 -14.42 -38.76
CA GLU A 74 -18.54 -13.71 -40.03
C GLU A 74 -17.28 -14.07 -40.82
N VAL A 75 -16.13 -14.01 -40.14
CA VAL A 75 -14.84 -14.42 -40.72
C VAL A 75 -14.98 -15.76 -41.43
N SER A 76 -15.47 -16.77 -40.70
CA SER A 76 -15.57 -18.13 -41.21
C SER A 76 -16.43 -18.23 -42.47
N ARG A 77 -17.62 -17.62 -42.47
CA ARG A 77 -18.50 -17.68 -43.65
C ARG A 77 -17.95 -16.93 -44.86
N LEU A 78 -17.41 -15.72 -44.64
CA LEU A 78 -16.72 -14.98 -45.68
C LEU A 78 -15.50 -15.76 -46.21
N ALA A 79 -14.99 -16.65 -45.38
CA ALA A 79 -13.89 -17.54 -45.76
C ALA A 79 -14.36 -18.78 -46.52
N ARG A 80 -15.60 -19.21 -46.27
CA ARG A 80 -16.20 -20.32 -47.03
C ARG A 80 -16.42 -19.88 -48.47
N GLU A 81 -16.93 -18.67 -48.62
CA GLU A 81 -17.21 -18.09 -49.93
C GLU A 81 -15.93 -17.83 -50.72
N ARG A 82 -14.90 -17.35 -50.04
CA ARG A 82 -13.61 -17.12 -50.68
C ARG A 82 -13.00 -18.42 -51.17
N ASP A 83 -13.11 -19.46 -50.34
CA ASP A 83 -12.61 -20.80 -50.69
C ASP A 83 -13.26 -21.36 -51.96
N ALA A 84 -14.59 -21.30 -52.03
CA ALA A 84 -15.34 -21.85 -53.16
C ALA A 84 -15.13 -21.05 -54.45
N TYR A 85 -14.99 -19.74 -54.32
CA TYR A 85 -14.78 -18.86 -55.47
C TYR A 85 -13.32 -18.87 -55.93
N LYS A 86 -12.40 -19.10 -54.99
CA LYS A 86 -10.97 -19.24 -55.30
C LYS A 86 -10.72 -20.43 -56.20
N VAL A 87 -11.41 -21.54 -55.93
CA VAL A 87 -11.24 -22.77 -56.72
C VAL A 87 -11.76 -22.64 -58.14
N LYS A 88 -12.95 -22.06 -58.32
CA LYS A 88 -13.51 -21.88 -59.65
C LYS A 88 -12.62 -20.94 -60.45
N SER A 89 -12.17 -19.87 -59.80
CA SER A 89 -11.23 -18.92 -60.40
C SER A 89 -9.85 -19.57 -60.56
N GLU A 90 -9.03 -19.63 -59.63
N ASP B 4 5.17 -7.54 22.44
CA ASP B 4 4.53 -6.30 21.89
C ASP B 4 3.70 -6.58 20.64
N ASP B 5 3.34 -5.52 19.92
CA ASP B 5 2.56 -5.59 18.67
C ASP B 5 3.11 -6.58 17.64
N GLN B 6 4.38 -6.95 17.78
CA GLN B 6 4.94 -8.08 17.04
C GLN B 6 4.40 -9.41 17.57
N LEU B 7 3.43 -9.28 18.48
CA LEU B 7 2.57 -10.35 18.98
C LEU B 7 1.96 -11.14 17.83
N VAL B 8 1.76 -10.45 16.71
CA VAL B 8 1.32 -11.05 15.47
C VAL B 8 2.41 -11.94 14.87
N SER B 9 3.67 -11.70 15.24
CA SER B 9 4.80 -12.50 14.76
C SER B 9 4.80 -13.90 15.35
N MET B 10 4.95 -14.00 16.67
CA MET B 10 5.14 -15.30 17.33
C MET B 10 4.11 -16.35 16.95
N SER B 11 4.59 -17.57 16.75
CA SER B 11 3.77 -18.71 16.33
C SER B 11 2.94 -19.26 17.49
N VAL B 12 2.01 -20.15 17.17
CA VAL B 12 1.17 -20.80 18.17
C VAL B 12 1.99 -21.35 19.33
N ARG B 13 2.94 -22.23 19.03
CA ARG B 13 3.82 -22.82 20.03
C ARG B 13 4.57 -21.76 20.85
N GLU B 14 5.12 -20.77 20.17
CA GLU B 14 5.81 -19.65 20.82
C GLU B 14 4.85 -18.87 21.70
N LEU B 15 3.66 -18.60 21.17
CA LEU B 15 2.64 -17.78 21.84
C LEU B 15 2.07 -18.40 23.11
N ASN B 16 1.63 -19.65 23.03
CA ASN B 16 1.00 -20.31 24.18
C ASN B 16 1.89 -20.27 25.40
N ARG B 17 3.17 -20.55 25.18
CA ARG B 17 4.16 -20.54 26.24
C ARG B 17 4.30 -19.12 26.82
N HIS B 18 4.26 -18.12 25.94
CA HIS B 18 4.24 -16.72 26.35
C HIS B 18 3.02 -16.44 27.23
N LEU B 19 1.88 -17.05 26.88
CA LEU B 19 0.64 -16.87 27.62
C LEU B 19 0.63 -17.52 29.01
N ARG B 20 1.39 -18.61 29.16
CA ARG B 20 1.39 -19.41 30.40
C ARG B 20 1.51 -18.62 31.70
N GLY B 21 2.22 -17.50 31.65
CA GLY B 21 2.36 -16.63 32.81
C GLY B 21 1.06 -15.94 33.22
N PHE B 22 0.31 -15.49 32.21
CA PHE B 22 -0.83 -14.58 32.40
C PHE B 22 -2.10 -15.20 32.98
N THR B 23 -2.98 -14.34 33.52
CA THR B 23 -4.29 -14.74 34.02
C THR B 23 -5.24 -14.98 32.84
N LYS B 24 -6.39 -15.60 33.12
CA LYS B 24 -7.41 -15.86 32.10
C LYS B 24 -7.82 -14.59 31.38
N ASP B 25 -8.18 -13.57 32.15
CA ASP B 25 -8.63 -12.29 31.61
C ASP B 25 -7.58 -11.68 30.68
N GLU B 26 -6.33 -11.67 31.13
CA GLU B 26 -5.22 -11.17 30.32
C GLU B 26 -5.10 -11.94 29.01
N VAL B 27 -5.27 -13.26 29.09
CA VAL B 27 -5.20 -14.12 27.92
C VAL B 27 -6.25 -13.68 26.89
N ILE B 28 -7.50 -13.54 27.35
CA ILE B 28 -8.61 -13.06 26.51
C ILE B 28 -8.23 -11.79 25.76
N ARG B 29 -7.70 -10.81 26.50
CA ARG B 29 -7.33 -9.52 25.93
C ARG B 29 -6.27 -9.64 24.85
N LEU B 30 -5.18 -10.33 25.16
CA LEU B 30 -4.06 -10.51 24.23
C LEU B 30 -4.47 -11.28 22.98
N LYS B 31 -5.23 -12.37 23.17
CA LYS B 31 -5.72 -13.16 22.04
C LYS B 31 -6.55 -12.33 21.06
N GLN B 32 -7.37 -11.42 21.59
CA GLN B 32 -8.15 -10.52 20.76
C GLN B 32 -7.28 -9.52 20.01
N LYS B 33 -6.34 -8.91 20.72
CA LYS B 33 -5.45 -7.94 20.11
C LYS B 33 -4.73 -8.61 18.96
N ARG B 34 -4.38 -9.88 19.16
CA ARG B 34 -3.78 -10.71 18.12
C ARG B 34 -4.67 -10.84 16.89
N ARG B 35 -5.94 -11.21 17.08
CA ARG B 35 -6.85 -11.37 15.95
C ARG B 35 -7.07 -10.04 15.25
N THR B 36 -7.20 -8.98 16.04
CA THR B 36 -7.34 -7.63 15.53
C THR B 36 -6.13 -7.27 14.68
N LEU B 37 -4.94 -7.49 15.23
CA LEU B 37 -3.70 -7.23 14.48
C LEU B 37 -3.63 -8.11 13.24
N LYS B 38 -3.78 -9.41 13.44
CA LYS B 38 -3.75 -10.37 12.36
C LYS B 38 -4.72 -9.96 11.25
N ASN B 39 -5.93 -9.53 11.65
CA ASN B 39 -6.96 -9.08 10.71
C ASN B 39 -6.58 -7.83 9.93
N ARG B 40 -5.86 -6.92 10.59
CA ARG B 40 -5.39 -5.69 9.97
C ARG B 40 -4.53 -5.99 8.75
N GLY B 41 -3.65 -6.98 8.89
CA GLY B 41 -2.78 -7.45 7.82
C GLY B 41 -3.59 -8.18 6.77
N TYR B 42 -4.54 -9.00 7.20
CA TYR B 42 -5.42 -9.70 6.27
C TYR B 42 -6.12 -8.72 5.35
N ALA B 43 -6.65 -7.63 5.91
CA ALA B 43 -7.28 -6.58 5.12
C ALA B 43 -6.31 -6.05 4.07
N GLN B 44 -5.06 -5.77 4.48
CA GLN B 44 -4.08 -5.27 3.54
C GLN B 44 -3.87 -6.25 2.38
N SER B 45 -3.96 -7.54 2.69
CA SER B 45 -3.83 -8.56 1.67
C SER B 45 -5.00 -8.51 0.71
N CYS B 46 -6.22 -8.49 1.24
CA CYS B 46 -7.38 -8.45 0.38
C CYS B 46 -7.34 -7.27 -0.59
N ARG B 47 -6.79 -6.14 -0.17
CA ARG B 47 -6.67 -4.97 -1.04
C ARG B 47 -5.67 -5.19 -2.16
N TYR B 48 -4.49 -5.69 -1.80
CA TYR B 48 -3.47 -6.08 -2.77
C TYR B 48 -4.07 -7.06 -3.77
N LYS B 49 -4.57 -8.20 -3.27
CA LYS B 49 -5.17 -9.20 -4.14
C LYS B 49 -6.20 -8.57 -5.07
N ARG B 50 -6.92 -7.56 -4.58
CA ARG B 50 -7.96 -6.91 -5.38
C ARG B 50 -7.40 -6.05 -6.52
N VAL B 51 -6.34 -5.29 -6.26
CA VAL B 51 -5.77 -4.48 -7.34
C VAL B 51 -5.20 -5.36 -8.45
N GLN B 52 -4.58 -6.47 -8.06
CA GLN B 52 -4.01 -7.42 -9.02
C GLN B 52 -5.08 -7.90 -9.98
N GLN B 53 -6.24 -8.25 -9.45
CA GLN B 53 -7.32 -8.75 -10.30
C GLN B 53 -8.17 -7.65 -10.91
N LYS B 54 -8.05 -6.43 -10.38
CA LYS B 54 -8.66 -5.27 -11.03
C LYS B 54 -7.90 -5.00 -12.32
N HIS B 55 -6.57 -5.10 -12.26
CA HIS B 55 -5.71 -4.91 -13.44
C HIS B 55 -5.97 -5.96 -14.48
N HIS B 56 -5.87 -7.22 -14.09
CA HIS B 56 -6.10 -8.33 -15.00
C HIS B 56 -7.38 -8.12 -15.80
N LEU B 57 -8.39 -7.51 -15.18
CA LEU B 57 -9.65 -7.19 -15.87
C LEU B 57 -9.51 -6.06 -16.88
N GLU B 58 -8.73 -5.03 -16.54
CA GLU B 58 -8.46 -3.91 -17.45
C GLU B 58 -7.77 -4.41 -18.71
N ASN B 59 -6.76 -5.25 -18.53
CA ASN B 59 -6.07 -5.89 -19.64
C ASN B 59 -7.01 -6.77 -20.46
N GLU B 60 -7.88 -7.50 -19.77
CA GLU B 60 -8.89 -8.34 -20.40
C GLU B 60 -9.73 -7.53 -21.38
N LYS B 61 -10.19 -6.35 -20.94
CA LYS B 61 -11.02 -5.50 -21.78
C LYS B 61 -10.22 -4.89 -22.93
N THR B 62 -8.99 -4.47 -22.64
CA THR B 62 -8.11 -3.82 -23.62
C THR B 62 -7.79 -4.77 -24.77
N GLN B 63 -7.51 -6.03 -24.43
CA GLN B 63 -7.22 -7.06 -25.43
C GLN B 63 -8.45 -7.38 -26.28
N LEU B 64 -9.63 -7.18 -25.72
CA LEU B 64 -10.88 -7.39 -26.45
C LEU B 64 -11.17 -6.22 -27.39
N ILE B 65 -11.18 -4.99 -26.85
CA ILE B 65 -11.41 -3.79 -27.65
C ILE B 65 -10.55 -3.78 -28.93
N GLN B 66 -9.39 -4.41 -28.85
CA GLN B 66 -8.53 -4.57 -30.02
C GLN B 66 -8.85 -5.84 -30.83
N GLN B 67 -9.21 -6.93 -30.15
CA GLN B 67 -9.54 -8.18 -30.85
C GLN B 67 -10.67 -7.94 -31.85
N VAL B 68 -11.60 -7.07 -31.50
CA VAL B 68 -12.70 -6.70 -32.39
C VAL B 68 -12.26 -5.74 -33.50
N GLU B 69 -10.96 -5.49 -33.59
CA GLU B 69 -10.40 -4.64 -34.64
C GLU B 69 -9.79 -5.48 -35.75
N GLN B 70 -8.94 -6.42 -35.35
CA GLN B 70 -8.37 -7.37 -36.29
C GLN B 70 -9.45 -8.22 -36.92
N LEU B 71 -10.52 -8.51 -36.17
CA LEU B 71 -11.68 -9.23 -36.71
C LEU B 71 -12.44 -8.40 -37.74
N LYS B 72 -12.65 -7.12 -37.46
CA LYS B 72 -13.27 -6.22 -38.44
C LYS B 72 -12.39 -6.08 -39.67
N GLN B 73 -11.09 -5.91 -39.46
CA GLN B 73 -10.14 -5.80 -40.56
C GLN B 73 -10.00 -7.12 -41.31
N GLU B 74 -10.05 -8.24 -40.59
CA GLU B 74 -10.00 -9.55 -41.23
C GLU B 74 -11.22 -9.78 -42.12
N VAL B 75 -12.40 -9.37 -41.66
CA VAL B 75 -13.61 -9.53 -42.50
C VAL B 75 -13.58 -8.63 -43.72
N SER B 76 -13.23 -7.36 -43.55
CA SER B 76 -13.14 -6.41 -44.67
C SER B 76 -11.99 -6.77 -45.62
N ARG B 77 -11.05 -7.57 -45.13
CA ARG B 77 -10.01 -8.17 -45.98
C ARG B 77 -10.63 -9.31 -46.79
N LEU B 78 -11.31 -10.24 -46.10
CA LEU B 78 -11.96 -11.37 -46.75
C LEU B 78 -13.10 -10.94 -47.70
N ALA B 79 -13.62 -9.74 -47.48
CA ALA B 79 -14.60 -9.16 -48.40
C ALA B 79 -13.98 -9.01 -49.78
N ARG B 80 -12.91 -8.22 -49.87
CA ARG B 80 -12.24 -7.94 -51.14
C ARG B 80 -11.57 -9.17 -51.75
N GLU B 81 -11.04 -10.05 -50.91
CA GLU B 81 -10.39 -11.26 -51.37
C GLU B 81 -11.39 -12.28 -51.93
N ARG B 82 -12.56 -12.38 -51.30
CA ARG B 82 -13.63 -13.23 -51.79
C ARG B 82 -14.12 -12.74 -53.15
N ASP B 83 -14.23 -11.43 -53.28
CA ASP B 83 -14.71 -10.78 -54.51
C ASP B 83 -13.74 -10.92 -55.68
N ALA B 84 -12.44 -10.82 -55.40
CA ALA B 84 -11.43 -10.99 -56.42
C ALA B 84 -11.68 -12.31 -57.16
N TYR B 85 -11.91 -13.37 -56.39
CA TYR B 85 -12.23 -14.68 -56.95
C TYR B 85 -13.71 -14.80 -57.36
N LYS B 86 -14.53 -13.85 -56.92
CA LYS B 86 -15.92 -13.73 -57.38
C LYS B 86 -15.96 -13.19 -58.81
N VAL B 87 -15.33 -12.04 -59.02
CA VAL B 87 -15.30 -11.37 -60.32
C VAL B 87 -14.53 -12.20 -61.36
N LYS B 88 -13.70 -13.12 -60.89
CA LYS B 88 -13.02 -14.07 -61.75
C LYS B 88 -13.78 -15.42 -61.78
N SER B 89 -13.20 -16.49 -61.97
N MET E 1 -0.94 -22.20 -16.29
CA MET E 1 -1.58 -21.08 -17.04
C MET E 1 -2.75 -20.48 -16.25
N PHE E 2 -3.38 -19.48 -16.83
CA PHE E 2 -4.46 -18.73 -16.19
C PHE E 2 -4.00 -17.30 -15.97
N SER E 3 -4.69 -16.61 -15.05
CA SER E 3 -4.25 -15.29 -14.63
C SER E 3 -3.15 -15.42 -13.58
N ASP E 4 -2.44 -14.32 -13.34
CA ASP E 4 -1.42 -14.27 -12.29
C ASP E 4 -2.01 -14.77 -10.98
N ASP E 5 -3.21 -14.31 -10.68
CA ASP E 5 -3.94 -14.68 -9.48
C ASP E 5 -4.31 -16.16 -9.48
N GLN E 6 -4.63 -16.69 -10.65
CA GLN E 6 -4.95 -18.11 -10.81
C GLN E 6 -3.75 -19.00 -10.51
N LEU E 7 -2.59 -18.62 -11.06
CA LEU E 7 -1.36 -19.42 -10.95
C LEU E 7 -0.72 -19.38 -9.56
N VAL E 8 -0.57 -18.17 -9.02
CA VAL E 8 0.02 -17.98 -7.68
C VAL E 8 -0.84 -18.63 -6.60
N SER E 9 -2.09 -18.92 -6.95
CA SER E 9 -3.07 -19.43 -6.00
C SER E 9 -3.16 -20.96 -6.03
N MET E 10 -2.87 -21.54 -7.19
CA MET E 10 -3.00 -22.99 -7.39
C MET E 10 -2.40 -23.82 -6.27
N SER E 11 -3.05 -24.95 -5.97
CA SER E 11 -2.61 -25.86 -4.92
C SER E 11 -1.14 -26.24 -5.05
N VAL E 12 -0.51 -26.46 -3.90
CA VAL E 12 0.94 -26.73 -3.80
C VAL E 12 1.40 -27.82 -4.78
N ARG E 13 0.60 -28.86 -4.92
CA ARG E 13 0.91 -29.93 -5.88
C ARG E 13 -0.02 -30.00 -7.09
N GLU E 14 -1.13 -29.28 -7.08
CA GLU E 14 -2.08 -29.37 -8.19
C GLU E 14 -1.53 -28.81 -9.50
N LEU E 15 -0.69 -27.78 -9.41
CA LEU E 15 -0.08 -27.17 -10.60
C LEU E 15 0.60 -28.23 -11.45
N ASN E 16 1.62 -28.87 -10.88
CA ASN E 16 2.40 -29.88 -11.59
C ASN E 16 1.59 -31.12 -11.98
N ARG E 17 0.41 -31.25 -11.39
CA ARG E 17 -0.54 -32.28 -11.80
C ARG E 17 -1.12 -31.86 -13.15
N HIS E 18 -1.45 -30.57 -13.29
CA HIS E 18 -2.00 -30.02 -14.52
C HIS E 18 -0.88 -29.61 -15.50
N LEU E 19 0.36 -29.69 -15.02
CA LEU E 19 1.54 -29.40 -15.86
C LEU E 19 1.92 -30.57 -16.76
N ARG E 20 1.36 -31.75 -16.48
CA ARG E 20 1.63 -32.94 -17.28
C ARG E 20 1.46 -32.68 -18.78
N GLY E 21 2.42 -33.14 -19.57
CA GLY E 21 2.39 -32.93 -21.02
C GLY E 21 3.01 -31.61 -21.47
N PHE E 22 3.52 -30.84 -20.52
CA PHE E 22 4.27 -29.62 -20.85
C PHE E 22 5.74 -29.94 -21.03
N THR E 23 6.37 -29.27 -22.01
CA THR E 23 7.80 -29.41 -22.23
C THR E 23 8.56 -29.04 -20.96
N LYS E 24 9.62 -29.80 -20.67
CA LYS E 24 10.51 -29.50 -19.54
C LYS E 24 10.81 -28.00 -19.47
N ASP E 25 11.01 -27.38 -20.63
CA ASP E 25 11.27 -25.95 -20.72
C ASP E 25 10.13 -25.10 -20.15
N GLU E 26 8.89 -25.40 -20.56
CA GLU E 26 7.74 -24.61 -20.13
C GLU E 26 7.47 -24.74 -18.64
N VAL E 27 7.67 -25.94 -18.11
CA VAL E 27 7.56 -26.19 -16.66
C VAL E 27 8.45 -25.21 -15.89
N ILE E 28 9.73 -25.19 -16.25
CA ILE E 28 10.70 -24.26 -15.68
C ILE E 28 10.18 -22.82 -15.77
N ARG E 29 9.77 -22.40 -16.97
CA ARG E 29 9.29 -21.04 -17.17
C ARG E 29 8.08 -20.71 -16.28
N LEU E 30 7.18 -21.68 -16.13
CA LEU E 30 5.97 -21.47 -15.33
C LEU E 30 6.22 -21.52 -13.83
N LYS E 31 7.03 -22.48 -13.40
CA LYS E 31 7.39 -22.59 -11.99
C LYS E 31 8.12 -21.33 -11.53
N GLN E 32 8.91 -20.75 -12.43
CA GLN E 32 9.59 -19.49 -12.18
C GLN E 32 8.60 -18.33 -12.11
N LYS E 33 7.75 -18.21 -13.12
CA LYS E 33 6.69 -17.20 -13.10
C LYS E 33 6.01 -17.20 -11.73
N ARG E 34 5.60 -18.39 -11.31
CA ARG E 34 4.96 -18.61 -10.02
C ARG E 34 5.80 -18.10 -8.83
N ARG E 35 7.10 -18.37 -8.83
CA ARG E 35 7.92 -17.86 -7.72
C ARG E 35 7.93 -16.34 -7.71
N THR E 36 8.11 -15.73 -8.88
CA THR E 36 8.08 -14.28 -9.01
C THR E 36 6.80 -13.69 -8.42
N LEU E 37 5.65 -14.30 -8.72
CA LEU E 37 4.37 -13.82 -8.19
C LEU E 37 4.30 -13.99 -6.69
N LYS E 38 4.50 -15.22 -6.20
CA LYS E 38 4.58 -15.47 -4.77
C LYS E 38 5.45 -14.39 -4.15
N ASN E 39 6.51 -14.06 -4.88
CA ASN E 39 7.58 -13.20 -4.41
C ASN E 39 7.18 -11.74 -4.41
N ARG E 40 6.18 -11.44 -5.24
CA ARG E 40 5.61 -10.10 -5.35
C ARG E 40 4.76 -9.80 -4.13
N GLY E 41 4.04 -10.81 -3.67
CA GLY E 41 3.21 -10.71 -2.47
C GLY E 41 4.05 -10.52 -1.23
N TYR E 42 5.14 -11.28 -1.14
CA TYR E 42 6.06 -11.17 -0.01
C TYR E 42 6.56 -9.75 0.14
N ALA E 43 6.93 -9.14 -0.99
CA ALA E 43 7.44 -7.77 -1.00
C ALA E 43 6.45 -6.78 -0.39
N GLN E 44 5.17 -6.90 -0.75
CA GLN E 44 4.14 -6.03 -0.20
C GLN E 44 3.96 -6.30 1.30
N SER E 45 4.04 -7.57 1.68
CA SER E 45 3.97 -7.99 3.08
C SER E 45 5.09 -7.39 3.91
N CYS E 46 6.31 -7.46 3.40
CA CYS E 46 7.45 -6.92 4.13
C CYS E 46 7.33 -5.41 4.24
N ARG E 47 6.81 -4.80 3.19
CA ARG E 47 6.63 -3.36 3.13
C ARG E 47 5.61 -2.96 4.18
N TYR E 48 4.51 -3.70 4.20
CA TYR E 48 3.47 -3.50 5.20
C TYR E 48 4.04 -3.65 6.61
N LYS E 49 4.75 -4.75 6.86
CA LYS E 49 5.38 -4.96 8.17
C LYS E 49 6.22 -3.74 8.57
N ARG E 50 7.01 -3.24 7.61
CA ARG E 50 7.93 -2.13 7.85
C ARG E 50 7.21 -0.86 8.32
N VAL E 51 6.11 -0.53 7.64
CA VAL E 51 5.33 0.65 8.01
C VAL E 51 4.82 0.50 9.43
N GLN E 52 4.32 -0.69 9.76
CA GLN E 52 3.79 -0.98 11.09
C GLN E 52 4.83 -0.75 12.16
N GLN E 53 6.04 -1.24 11.91
CA GLN E 53 7.16 -1.05 12.82
C GLN E 53 7.51 0.42 12.92
N LYS E 54 7.58 1.09 11.77
CA LYS E 54 7.89 2.51 11.71
C LYS E 54 6.92 3.30 12.59
N HIS E 55 5.63 2.99 12.48
CA HIS E 55 4.62 3.62 13.32
C HIS E 55 4.87 3.32 14.78
N HIS E 56 5.08 2.04 15.09
CA HIS E 56 5.32 1.66 16.46
C HIS E 56 6.46 2.47 17.06
N LEU E 57 7.59 2.51 16.35
CA LEU E 57 8.75 3.27 16.78
C LEU E 57 8.40 4.73 17.00
N GLU E 58 7.55 5.27 16.13
CA GLU E 58 7.11 6.66 16.23
C GLU E 58 6.34 6.93 17.51
N ASN E 59 5.47 5.99 17.88
CA ASN E 59 4.62 6.11 19.07
CA ASN E 59 4.66 6.19 19.07
C ASN E 59 5.43 5.99 20.35
N GLU E 60 6.24 4.94 20.44
CA GLU E 60 7.04 4.71 21.63
C GLU E 60 8.01 5.87 21.86
N LYS E 61 8.55 6.44 20.78
CA LYS E 61 9.45 7.59 20.88
C LYS E 61 8.79 8.79 21.54
N THR E 62 7.62 9.20 21.03
CA THR E 62 6.92 10.36 21.59
C THR E 62 6.49 10.10 23.02
N GLN E 63 6.13 8.84 23.31
CA GLN E 63 5.84 8.39 24.67
C GLN E 63 7.05 8.54 25.59
N LEU E 64 8.25 8.49 25.02
CA LEU E 64 9.47 8.71 25.81
C LEU E 64 9.73 10.20 25.96
N ILE E 65 9.69 10.94 24.85
CA ILE E 65 9.83 12.41 24.89
C ILE E 65 8.86 12.99 25.93
N GLN E 66 7.77 12.27 26.17
CA GLN E 66 6.78 12.63 27.18
C GLN E 66 7.18 12.15 28.58
N GLN E 67 7.63 10.89 28.66
CA GLN E 67 7.96 10.26 29.95
C GLN E 67 9.09 10.96 30.71
N VAL E 68 10.10 11.44 29.99
CA VAL E 68 11.21 12.13 30.65
C VAL E 68 10.75 13.41 31.32
N GLU E 69 9.89 14.17 30.63
CA GLU E 69 9.41 15.46 31.15
C GLU E 69 8.47 15.27 32.32
N GLN E 70 7.61 14.25 32.25
CA GLN E 70 6.75 13.88 33.38
C GLN E 70 7.63 13.49 34.56
N LEU E 71 8.76 12.85 34.27
CA LEU E 71 9.73 12.47 35.29
C LEU E 71 10.52 13.68 35.76
N LYS E 72 11.02 14.48 34.81
CA LYS E 72 11.78 15.71 35.12
C LYS E 72 11.03 16.64 36.06
N GLN E 73 9.74 16.86 35.79
CA GLN E 73 8.89 17.64 36.68
C GLN E 73 8.87 16.97 38.05
N GLU E 74 8.44 15.70 38.08
CA GLU E 74 8.29 14.96 39.33
C GLU E 74 9.62 14.74 40.05
N VAL E 75 10.73 15.02 39.37
CA VAL E 75 12.05 15.06 40.00
C VAL E 75 12.22 16.41 40.70
N SER E 76 12.05 17.49 39.94
CA SER E 76 12.23 18.85 40.47
C SER E 76 11.13 19.26 41.44
N ARG E 77 10.01 18.53 41.43
CA ARG E 77 8.98 18.69 42.45
C ARG E 77 9.50 18.11 43.76
N LEU E 78 9.89 16.83 43.72
CA LEU E 78 10.43 16.15 44.90
C LEU E 78 11.68 16.81 45.50
N ALA E 79 12.36 17.60 44.68
CA ALA E 79 13.51 18.38 45.14
C ALA E 79 13.05 19.43 46.16
N ARG E 80 12.08 20.24 45.76
CA ARG E 80 11.56 21.32 46.61
C ARG E 80 10.81 20.81 47.84
N GLU E 81 10.09 19.70 47.68
CA GLU E 81 9.38 19.10 48.80
C GLU E 81 10.40 18.66 49.85
N ARG E 82 11.51 18.09 49.39
CA ARG E 82 12.63 17.70 50.25
C ARG E 82 13.29 18.93 50.89
N ASP E 83 13.57 19.95 50.09
CA ASP E 83 14.32 21.13 50.53
C ASP E 83 13.53 22.05 51.47
N ALA E 84 12.22 22.16 51.24
CA ALA E 84 11.35 22.93 52.14
C ALA E 84 11.20 22.23 53.48
N TYR E 85 11.81 21.05 53.59
CA TYR E 85 11.89 20.31 54.85
C TYR E 85 13.32 20.27 55.38
N LYS E 86 14.29 20.58 54.53
CA LYS E 86 15.67 20.75 54.96
C LYS E 86 15.73 21.85 56.02
N VAL E 87 15.18 23.01 55.67
CA VAL E 87 15.06 24.15 56.58
C VAL E 87 14.06 23.91 57.71
N LYS E 88 12.83 23.51 57.35
CA LYS E 88 11.77 23.25 58.33
C LYS E 88 12.25 22.30 59.43
N SER E 89 13.01 21.27 59.03
CA SER E 89 13.57 20.32 59.98
C SER E 89 14.99 20.70 60.38
N GLU E 90 15.12 21.85 61.04
CA GLU E 90 16.39 22.32 61.61
C GLU E 90 16.16 23.24 62.81
N LYS E 91 16.41 22.87 63.95
N MET F 1 25.01 8.20 -27.98
CA MET F 1 26.31 7.46 -28.02
C MET F 1 27.07 7.60 -26.71
N PHE F 2 28.07 6.74 -26.52
CA PHE F 2 28.91 6.76 -25.32
C PHE F 2 28.38 5.89 -24.20
N SER F 3 29.12 5.86 -23.09
CA SER F 3 28.72 5.10 -21.91
C SER F 3 27.76 5.91 -21.04
N ASP F 4 27.01 5.21 -20.19
CA ASP F 4 26.04 5.84 -19.29
C ASP F 4 26.70 6.80 -18.30
N ASP F 5 28.03 6.78 -18.26
CA ASP F 5 28.78 7.63 -17.34
C ASP F 5 29.06 9.02 -17.91
N GLN F 6 29.43 9.08 -19.19
CA GLN F 6 29.68 10.36 -19.85
C GLN F 6 28.39 11.13 -20.01
N LEU F 7 27.31 10.38 -20.27
CA LEU F 7 25.98 10.94 -20.54
C LEU F 7 25.38 11.67 -19.34
N VAL F 8 25.54 11.10 -18.16
CA VAL F 8 25.00 11.68 -16.93
C VAL F 8 25.77 12.93 -16.52
N SER F 9 27.11 12.84 -16.54
CA SER F 9 27.98 13.93 -16.13
C SER F 9 28.14 14.98 -17.22
N MET F 10 27.43 14.78 -18.34
CA MET F 10 27.41 15.72 -19.45
C MET F 10 26.65 16.99 -19.06
N SER F 11 27.06 18.12 -19.61
CA SER F 11 26.43 19.41 -19.32
C SER F 11 25.05 19.48 -19.95
N VAL F 12 24.23 20.41 -19.46
CA VAL F 12 22.92 20.70 -20.05
C VAL F 12 23.06 21.05 -21.54
N ARG F 13 24.15 21.73 -21.87
CA ARG F 13 24.39 22.28 -23.21
C ARG F 13 25.21 21.35 -24.09
N GLU F 14 26.28 20.80 -23.54
CA GLU F 14 27.13 19.84 -24.25
C GLU F 14 26.28 18.72 -24.84
N LEU F 15 25.32 18.27 -24.03
CA LEU F 15 24.35 17.25 -24.44
C LEU F 15 23.74 17.62 -25.79
N ASN F 16 23.09 18.78 -25.83
CA ASN F 16 22.50 19.31 -27.07
C ASN F 16 23.48 19.23 -28.24
N ARG F 17 24.66 19.83 -28.05
CA ARG F 17 25.74 19.83 -29.04
C ARG F 17 26.04 18.44 -29.60
N HIS F 18 26.04 17.43 -28.73
CA HIS F 18 26.29 16.05 -29.13
C HIS F 18 25.14 15.43 -29.92
N LEU F 19 23.96 16.05 -29.83
CA LEU F 19 22.73 15.50 -30.40
C LEU F 19 22.31 16.14 -31.73
N ARG F 20 23.17 17.00 -32.27
CA ARG F 20 22.83 17.82 -33.44
C ARG F 20 22.59 17.04 -34.74
N GLY F 21 23.22 15.87 -34.85
CA GLY F 21 23.01 15.04 -36.04
C GLY F 21 21.94 13.98 -35.83
N PHE F 22 21.04 14.23 -34.88
CA PHE F 22 20.11 13.19 -34.41
C PHE F 22 18.65 13.39 -34.74
N THR F 23 17.96 12.25 -34.87
CA THR F 23 16.51 12.18 -34.98
C THR F 23 15.90 12.68 -33.69
N LYS F 24 14.83 13.45 -33.81
CA LYS F 24 14.08 13.93 -32.63
C LYS F 24 13.60 12.76 -31.76
N ASP F 25 13.16 11.68 -32.41
CA ASP F 25 12.76 10.46 -31.70
C ASP F 25 13.94 9.91 -30.90
N GLU F 26 15.14 10.06 -31.45
CA GLU F 26 16.37 9.68 -30.78
C GLU F 26 16.88 10.76 -29.82
N VAL F 27 16.44 12.01 -30.04
CA VAL F 27 16.79 13.13 -29.17
C VAL F 27 15.96 13.07 -27.88
N ILE F 28 14.69 12.70 -28.00
CA ILE F 28 13.80 12.61 -26.84
C ILE F 28 14.07 11.34 -26.03
N ARG F 29 14.56 10.30 -26.70
CA ARG F 29 14.92 9.05 -26.05
C ARG F 29 16.14 9.23 -25.16
N LEU F 30 17.20 9.80 -25.74
CA LEU F 30 18.45 10.01 -25.02
C LEU F 30 18.31 11.01 -23.88
N LYS F 31 17.57 12.09 -24.12
CA LYS F 31 17.27 13.06 -23.06
C LYS F 31 16.60 12.36 -21.90
N GLN F 32 15.73 11.39 -22.22
CA GLN F 32 15.05 10.59 -21.22
C GLN F 32 15.99 9.65 -20.49
N LYS F 33 16.83 8.95 -21.25
CA LYS F 33 17.82 8.04 -20.67
C LYS F 33 18.73 8.79 -19.70
N ARG F 34 19.07 10.02 -20.03
CA ARG F 34 19.83 10.90 -19.14
C ARG F 34 19.09 11.07 -17.81
N ARG F 35 17.80 11.42 -17.87
CA ARG F 35 16.97 11.63 -16.68
C ARG F 35 16.85 10.34 -15.87
N THR F 36 16.56 9.25 -16.58
CA THR F 36 16.52 7.92 -15.98
C THR F 36 17.86 7.61 -15.29
N LEU F 37 18.96 7.87 -15.99
CA LEU F 37 20.28 7.64 -15.41
C LEU F 37 20.52 8.52 -14.19
N LYS F 38 20.13 9.79 -14.26
CA LYS F 38 20.28 10.69 -13.12
C LYS F 38 19.42 10.21 -11.95
N ASN F 39 18.20 9.77 -12.26
CA ASN F 39 17.27 9.24 -11.28
C ASN F 39 17.84 8.07 -10.50
N ARG F 40 18.55 7.20 -11.21
CA ARG F 40 19.23 6.06 -10.61
C ARG F 40 20.20 6.52 -9.54
N GLY F 41 20.94 7.59 -9.83
CA GLY F 41 21.86 8.18 -8.87
C GLY F 41 21.15 8.85 -7.71
N TYR F 42 19.98 9.44 -7.97
CA TYR F 42 19.21 10.11 -6.91
C TYR F 42 18.70 9.07 -5.93
N ALA F 43 18.11 8.00 -6.46
CA ALA F 43 17.62 6.89 -5.63
C ALA F 43 18.72 6.38 -4.73
N GLN F 44 19.91 6.16 -5.29
CA GLN F 44 21.06 5.74 -4.51
C GLN F 44 21.32 6.67 -3.33
N SER F 45 21.22 7.98 -3.58
CA SER F 45 21.42 8.97 -2.52
C SER F 45 20.37 8.83 -1.41
N CYS F 46 19.10 8.90 -1.79
CA CYS F 46 18.02 8.84 -0.79
C CYS F 46 18.13 7.61 0.08
N ARG F 47 18.56 6.50 -0.51
CA ARG F 47 18.79 5.25 0.22
C ARG F 47 19.82 5.45 1.33
N TYR F 48 21.03 5.88 0.95
CA TYR F 48 22.11 6.14 1.89
C TYR F 48 21.70 7.13 2.98
N LYS F 49 20.96 8.16 2.59
CA LYS F 49 20.42 9.12 3.54
C LYS F 49 19.50 8.43 4.54
N ARG F 50 18.57 7.62 4.04
CA ARG F 50 17.60 6.94 4.89
C ARG F 50 18.27 6.00 5.89
N VAL F 51 19.47 5.54 5.55
CA VAL F 51 20.28 4.73 6.46
C VAL F 51 20.68 5.58 7.66
N GLN F 52 21.25 6.76 7.36
CA GLN F 52 21.63 7.73 8.39
C GLN F 52 20.41 8.16 9.21
N GLN F 53 19.38 8.67 8.51
CA GLN F 53 18.10 9.03 9.12
C GLN F 53 17.61 7.96 10.08
N LYS F 54 17.79 6.70 9.68
CA LYS F 54 17.28 5.55 10.42
C LYS F 54 18.19 5.17 11.59
N HIS F 55 19.50 5.31 11.40
CA HIS F 55 20.46 5.01 12.47
C HIS F 55 20.37 6.05 13.58
N HIS F 56 20.35 7.33 13.18
CA HIS F 56 20.18 8.44 14.11
C HIS F 56 19.04 8.15 15.08
N LEU F 57 17.87 7.79 14.55
CA LEU F 57 16.71 7.47 15.36
C LEU F 57 16.98 6.34 16.34
N GLU F 58 17.49 5.22 15.83
CA GLU F 58 17.82 4.06 16.64
C GLU F 58 18.67 4.42 17.86
N ASN F 59 19.59 5.35 17.66
CA ASN F 59 20.40 5.90 18.74
C ASN F 59 19.54 6.72 19.68
N GLU F 60 18.89 7.74 19.13
CA GLU F 60 18.01 8.63 19.88
C GLU F 60 17.15 7.85 20.86
N LYS F 61 16.67 6.69 20.43
CA LYS F 61 15.89 5.81 21.30
C LYS F 61 16.71 5.37 22.51
N THR F 62 17.80 4.63 22.29
CA THR F 62 18.63 4.10 23.38
C THR F 62 19.18 5.20 24.29
N GLN F 63 19.24 6.41 23.77
CA GLN F 63 19.60 7.60 24.53
C GLN F 63 18.50 7.92 25.54
N LEU F 64 17.27 8.03 25.04
CA LEU F 64 16.12 8.30 25.89
C LEU F 64 15.89 7.16 26.86
N ILE F 65 15.99 5.92 26.37
CA ILE F 65 15.81 4.74 27.21
C ILE F 65 16.68 4.80 28.47
N GLN F 66 17.93 5.23 28.28
CA GLN F 66 18.85 5.42 29.39
C GLN F 66 18.49 6.65 30.22
N GLN F 67 18.20 7.77 29.55
CA GLN F 67 17.81 9.01 30.22
C GLN F 67 16.62 8.81 31.16
N VAL F 68 15.68 7.97 30.73
CA VAL F 68 14.55 7.57 31.58
C VAL F 68 15.04 6.76 32.78
N GLU F 69 15.92 5.79 32.52
CA GLU F 69 16.40 4.90 33.57
C GLU F 69 17.12 5.65 34.69
N GLN F 70 17.97 6.61 34.32
CA GLN F 70 18.67 7.40 35.33
C GLN F 70 17.74 8.37 36.08
N LEU F 71 16.76 8.92 35.37
CA LEU F 71 15.78 9.80 36.01
C LEU F 71 14.86 9.05 36.98
N LYS F 72 14.71 7.75 36.75
CA LYS F 72 13.96 6.89 37.67
C LYS F 72 14.74 6.67 38.97
N GLN F 73 16.05 6.40 38.85
CA GLN F 73 16.93 6.27 40.00
C GLN F 73 16.96 7.55 40.80
N GLU F 74 16.92 8.67 40.08
CA GLU F 74 16.85 10.00 40.68
C GLU F 74 15.63 10.10 41.60
N VAL F 75 14.44 9.92 41.04
CA VAL F 75 13.19 9.97 41.81
C VAL F 75 13.24 9.10 43.07
N SER F 76 13.66 7.84 42.90
CA SER F 76 13.75 6.90 44.02
C SER F 76 14.73 7.39 45.09
N ARG F 77 15.85 7.95 44.65
CA ARG F 77 16.88 8.46 45.54
C ARG F 77 16.36 9.66 46.35
N LEU F 78 15.82 10.65 45.65
CA LEU F 78 15.24 11.84 46.28
C LEU F 78 14.07 11.48 47.20
N ALA F 79 13.23 10.55 46.75
CA ALA F 79 12.11 10.06 47.55
C ALA F 79 12.58 9.61 48.92
N ARG F 80 13.46 8.61 48.95
CA ARG F 80 14.00 8.07 50.19
C ARG F 80 14.66 9.14 51.07
N GLU F 81 15.30 10.12 50.43
CA GLU F 81 15.97 11.20 51.14
C GLU F 81 15.01 12.16 51.83
N ARG F 82 13.93 12.54 51.14
CA ARG F 82 12.90 13.40 51.74
C ARG F 82 12.15 12.66 52.84
N ASP F 83 12.05 11.34 52.68
CA ASP F 83 11.41 10.48 53.67
C ASP F 83 12.17 10.52 55.00
N ALA F 84 13.46 10.84 54.93
CA ALA F 84 14.31 10.93 56.12
C ALA F 84 14.07 12.24 56.88
N TYR F 85 13.97 13.35 56.14
CA TYR F 85 13.74 14.65 56.74
C TYR F 85 12.34 14.76 57.36
N LYS F 86 11.43 13.91 56.89
CA LYS F 86 10.06 13.85 57.43
C LYS F 86 10.00 13.06 58.73
N VAL F 87 10.80 12.01 58.84
CA VAL F 87 10.95 11.24 60.08
C VAL F 87 11.93 11.97 61.02
N LYS F 88 12.56 13.01 60.50
CA LYS F 88 13.35 13.92 61.32
C LYS F 88 12.43 14.94 62.00
N SER F 89 11.50 15.49 61.22
CA SER F 89 10.47 16.41 61.75
C SER F 89 9.57 15.70 62.74
N GLU F 90 9.27 14.50 62.61
#